data_6SHM
#
_entry.id   6SHM
#
_cell.length_a   37.150
_cell.length_b   85.310
_cell.length_c   95.030
_cell.angle_alpha   90.000
_cell.angle_beta   90.000
_cell.angle_gamma   90.000
#
_symmetry.space_group_name_H-M   'P 2 21 21'
#
loop_
_entity.id
_entity.type
_entity.pdbx_description
1 polymer 'Mutant alpha-1,6-mannanase GH76A'
2 branched alpha-D-mannopyranose-(1-6)-alpha-D-mannopyranose-(1-6)-alpha-D-mannopyranose-(1-6)-alpha-D-mannopyranose
3 non-polymer '2-(N-MORPHOLINO)-ETHANESULFONIC ACID'
4 non-polymer GLYCEROL
5 water water
#
_entity_poly.entity_id   1
_entity_poly.type   'polypeptide(L)'
_entity_poly.pdbx_seq_one_letter_code
;MGSSHHHHHHSSGLVPRGSHMASSADDDGIDDVQEEEEEQPVEPGEEEDDEVADWGEVAENLQEQTYNIYLTSNGTFRQD
NEGNENFNYWWNAHMLDVLIDGYERTGDESYLPKMKSLLEGIEVRNGNKYENVFIAAMEWLGIACLRTYKLTNDQQYKEV
ADLLWEETKQGWSDVHGGGIAWKTDTPNSKNACSNGPAAIFALYLYEIDQDEEDLEWAKKIYHWLKDTLVDPESGLVWDN
IDYHDGEAIINRDWIFTYNVGTYIGAANLLHQATGEGMYLDDAIKSASSVVAPGELTTGGVLKNEGQGDGGLFKGILVRY
FTQLALNPDLPDGKRNEFEEFVLFNAETLYHNGLTSAGLAGPNWNDEPSGRVDLSTQLSGVMLMEAKALLE
;
_entity_poly.pdbx_strand_id   A
#
# COMPACT_ATOMS: atom_id res chain seq x y z
N ALA A 53 12.31 -6.51 -24.38
CA ALA A 53 11.13 -6.53 -23.35
C ALA A 53 10.96 -5.13 -22.71
N ASP A 54 9.87 -4.47 -23.01
CA ASP A 54 9.58 -3.16 -22.43
C ASP A 54 8.96 -3.38 -21.04
N TRP A 55 8.77 -2.31 -20.30
CA TRP A 55 8.38 -2.39 -18.87
C TRP A 55 6.98 -3.00 -18.74
N GLY A 56 6.08 -2.76 -19.70
CA GLY A 56 4.76 -3.40 -19.66
C GLY A 56 4.87 -4.92 -19.79
N GLU A 57 5.75 -5.42 -20.65
CA GLU A 57 5.96 -6.88 -20.81
C GLU A 57 6.60 -7.47 -19.56
N VAL A 58 7.52 -6.74 -18.95
CA VAL A 58 8.15 -7.22 -17.68
C VAL A 58 7.02 -7.36 -16.65
N ALA A 59 6.17 -6.34 -16.54
CA ALA A 59 5.08 -6.35 -15.54
C ALA A 59 4.16 -7.56 -15.82
N GLU A 60 3.83 -7.82 -17.08
CA GLU A 60 2.93 -8.93 -17.44
C GLU A 60 3.58 -10.26 -17.10
N ASN A 61 4.88 -10.40 -17.29
CA ASN A 61 5.57 -11.67 -16.95
C ASN A 61 5.51 -11.90 -15.45
N LEU A 62 5.66 -10.85 -14.63
CA LEU A 62 5.61 -11.04 -13.16
C LEU A 62 4.15 -11.29 -12.72
N GLN A 63 3.16 -10.66 -13.34
CA GLN A 63 1.74 -11.00 -13.06
C GLN A 63 1.52 -12.49 -13.33
N GLU A 64 1.98 -12.98 -14.46
CA GLU A 64 1.75 -14.39 -14.85
C GLU A 64 2.42 -15.32 -13.85
N GLN A 65 3.68 -15.07 -13.51
CA GLN A 65 4.40 -15.95 -12.56
C GLN A 65 3.71 -15.93 -11.19
N THR A 66 3.34 -14.76 -10.69
CA THR A 66 2.61 -14.65 -9.39
C THR A 66 1.33 -15.51 -9.43
N TYR A 67 0.52 -15.38 -10.46
CA TYR A 67 -0.74 -16.15 -10.55
C TYR A 67 -0.40 -17.62 -10.58
N ASN A 68 0.51 -18.01 -11.48
CA ASN A 68 0.87 -19.43 -11.64
C ASN A 68 1.34 -20.06 -10.32
N ILE A 69 2.24 -19.40 -9.60
CA ILE A 69 2.93 -20.01 -8.44
C ILE A 69 2.01 -19.93 -7.22
N TYR A 70 1.29 -18.83 -7.00
CA TYR A 70 0.61 -18.62 -5.69
C TYR A 70 -0.89 -18.91 -5.72
N LEU A 71 -1.51 -19.11 -6.88
CA LEU A 71 -2.97 -19.34 -6.95
C LEU A 71 -3.32 -20.61 -6.20
N THR A 72 -4.30 -20.53 -5.34
CA THR A 72 -4.62 -21.69 -4.49
C THR A 72 -6.12 -21.80 -4.50
N SER A 73 -6.66 -22.37 -3.42
CA SER A 73 -8.10 -22.68 -3.21
C SER A 73 -8.89 -21.38 -3.32
N ASN A 74 -10.11 -21.47 -3.84
CA ASN A 74 -11.10 -20.39 -3.71
C ASN A 74 -10.59 -19.12 -4.44
N GLY A 75 -9.64 -19.22 -5.35
CA GLY A 75 -9.18 -18.05 -6.09
C GLY A 75 -8.35 -17.09 -5.23
N THR A 76 -7.81 -17.53 -4.10
CA THR A 76 -6.94 -16.73 -3.25
C THR A 76 -5.50 -17.18 -3.51
N PHE A 77 -4.57 -16.58 -2.79
CA PHE A 77 -3.12 -16.76 -3.07
C PHE A 77 -2.45 -17.23 -1.79
N ARG A 78 -1.53 -18.16 -1.93
CA ARG A 78 -0.95 -18.86 -0.78
C ARG A 78 0.17 -18.02 -0.18
N GLN A 79 0.59 -18.37 1.02
CA GLN A 79 1.52 -17.51 1.75
C GLN A 79 2.91 -17.57 1.12
N ASP A 80 3.38 -18.74 0.66
CA ASP A 80 4.73 -18.81 0.06
C ASP A 80 4.68 -19.83 -1.07
N ASN A 81 5.79 -19.89 -1.81
CA ASN A 81 5.99 -20.80 -2.95
C ASN A 81 6.53 -22.13 -2.47
N GLU A 82 6.46 -22.46 -1.19
CA GLU A 82 6.99 -23.74 -0.63
C GLU A 82 5.85 -24.44 0.14
N GLY A 83 6.03 -24.67 1.42
CA GLY A 83 5.09 -25.51 2.20
C GLY A 83 3.99 -24.78 2.93
N ASN A 84 3.65 -23.52 2.62
CA ASN A 84 2.68 -22.77 3.46
C ASN A 84 1.45 -22.29 2.65
N GLU A 85 0.28 -22.91 2.90
CA GLU A 85 -1.00 -22.60 2.26
C GLU A 85 -1.81 -21.69 3.19
N ASN A 86 -1.25 -21.16 4.26
CA ASN A 86 -1.93 -20.16 5.10
C ASN A 86 -2.55 -19.03 4.26
N PHE A 87 -3.77 -18.62 4.61
CA PHE A 87 -4.44 -17.46 4.02
C PHE A 87 -4.09 -16.19 4.82
N ASN A 88 -3.55 -15.24 4.07
CA ASN A 88 -3.10 -13.97 4.65
C ASN A 88 -3.96 -12.84 4.08
N TYR A 89 -4.89 -12.40 4.90
CA TYR A 89 -5.93 -11.45 4.44
C TYR A 89 -5.35 -10.17 3.86
N TRP A 90 -4.45 -9.48 4.53
CA TRP A 90 -4.00 -8.18 3.94
C TRP A 90 -3.07 -8.41 2.74
N TRP A 91 -2.39 -9.55 2.71
CA TRP A 91 -1.51 -9.82 1.54
C TRP A 91 -2.43 -10.06 0.34
N ASN A 92 -3.56 -10.72 0.56
CA ASN A 92 -4.48 -11.03 -0.55
C ASN A 92 -5.20 -9.76 -1.00
N ALA A 93 -5.38 -8.81 -0.10
CA ALA A 93 -5.93 -7.47 -0.41
C ALA A 93 -4.97 -6.76 -1.37
N HIS A 94 -3.66 -6.87 -1.16
CA HIS A 94 -2.68 -6.28 -2.09
C HIS A 94 -2.57 -7.05 -3.39
N MET A 95 -2.86 -8.34 -3.40
CA MET A 95 -2.97 -9.09 -4.67
C MET A 95 -4.14 -8.53 -5.49
N LEU A 96 -5.24 -8.17 -4.86
CA LEU A 96 -6.33 -7.53 -5.60
C LEU A 96 -5.85 -6.20 -6.22
N ASP A 97 -5.13 -5.36 -5.46
CA ASP A 97 -4.54 -4.11 -5.99
C ASP A 97 -3.61 -4.40 -7.18
N VAL A 98 -2.85 -5.48 -7.12
CA VAL A 98 -1.94 -5.88 -8.23
C VAL A 98 -2.74 -6.31 -9.48
N LEU A 99 -3.80 -7.07 -9.29
CA LEU A 99 -4.64 -7.46 -10.45
C LEU A 99 -5.27 -6.21 -11.07
N ILE A 100 -5.72 -5.25 -10.24
CA ILE A 100 -6.27 -3.98 -10.78
C ILE A 100 -5.18 -3.29 -11.59
N ASP A 101 -3.94 -3.28 -11.11
CA ASP A 101 -2.83 -2.66 -11.86
C ASP A 101 -2.75 -3.30 -13.26
N GLY A 102 -2.82 -4.63 -13.34
CA GLY A 102 -2.75 -5.34 -14.62
C GLY A 102 -3.92 -4.94 -15.53
N TYR A 103 -5.13 -4.89 -15.00
CA TYR A 103 -6.33 -4.50 -15.74
C TYR A 103 -6.20 -3.10 -16.31
N GLU A 104 -5.68 -2.14 -15.52
CA GLU A 104 -5.59 -0.76 -15.94
C GLU A 104 -4.54 -0.69 -17.05
N ARG A 105 -3.47 -1.47 -16.95
CA ARG A 105 -2.37 -1.39 -17.93
C ARG A 105 -2.85 -1.95 -19.27
N THR A 106 -3.50 -3.08 -19.23
CA THR A 106 -3.84 -3.91 -20.40
C THR A 106 -5.22 -3.63 -20.96
N GLY A 107 -6.19 -3.24 -20.13
CA GLY A 107 -7.59 -3.27 -20.55
C GLY A 107 -8.07 -4.68 -20.88
N ASP A 108 -7.36 -5.70 -20.43
CA ASP A 108 -7.72 -7.12 -20.71
C ASP A 108 -8.80 -7.59 -19.72
N GLU A 109 -9.99 -7.95 -20.22
CA GLU A 109 -11.17 -8.30 -19.40
C GLU A 109 -10.97 -9.64 -18.65
N SER A 110 -10.01 -10.49 -19.03
CA SER A 110 -9.64 -11.72 -18.28
C SER A 110 -9.15 -11.41 -16.84
N TYR A 111 -8.75 -10.17 -16.52
CA TYR A 111 -8.42 -9.84 -15.10
C TYR A 111 -9.68 -9.79 -14.24
N LEU A 112 -10.81 -9.40 -14.80
CA LEU A 112 -12.01 -9.12 -14.00
C LEU A 112 -12.48 -10.38 -13.28
N PRO A 113 -12.54 -11.58 -13.90
CA PRO A 113 -12.96 -12.77 -13.15
C PRO A 113 -11.99 -13.16 -12.00
N LYS A 114 -10.68 -13.04 -12.25
CA LYS A 114 -9.63 -13.22 -11.22
C LYS A 114 -9.90 -12.32 -10.02
N MET A 115 -10.18 -11.04 -10.28
CA MET A 115 -10.48 -10.07 -9.21
C MET A 115 -11.72 -10.53 -8.46
N LYS A 116 -12.75 -10.93 -9.17
CA LYS A 116 -14.01 -11.32 -8.50
C LYS A 116 -13.83 -12.61 -7.68
N SER A 117 -13.12 -13.62 -8.22
CA SER A 117 -12.84 -14.86 -7.46
C SER A 117 -12.04 -14.51 -6.20
N LEU A 118 -11.06 -13.63 -6.29
CA LEU A 118 -10.26 -13.25 -5.10
C LEU A 118 -11.15 -12.52 -4.08
N LEU A 119 -11.99 -11.57 -4.49
CA LEU A 119 -12.88 -10.86 -3.54
C LEU A 119 -13.69 -11.90 -2.79
N GLU A 120 -14.24 -12.90 -3.50
CA GLU A 120 -15.14 -13.88 -2.89
C GLU A 120 -14.34 -14.86 -2.06
N GLY A 121 -13.16 -15.23 -2.54
CA GLY A 121 -12.34 -16.16 -1.78
C GLY A 121 -11.89 -15.57 -0.44
N ILE A 122 -11.63 -14.28 -0.39
CA ILE A 122 -11.17 -13.65 0.86
C ILE A 122 -12.24 -13.92 1.92
N GLU A 123 -13.51 -13.74 1.58
CA GLU A 123 -14.63 -13.92 2.51
C GLU A 123 -14.63 -15.38 2.97
N VAL A 124 -14.47 -16.34 2.07
CA VAL A 124 -14.44 -17.76 2.49
C VAL A 124 -13.25 -18.02 3.42
N ARG A 125 -12.01 -17.65 3.05
CA ARG A 125 -10.84 -18.15 3.79
C ARG A 125 -10.67 -17.34 5.09
N ASN A 126 -11.33 -16.21 5.23
CA ASN A 126 -11.35 -15.44 6.49
C ASN A 126 -12.47 -15.96 7.40
N GLY A 127 -13.07 -17.11 7.09
CA GLY A 127 -14.13 -17.64 7.97
C GLY A 127 -15.51 -17.15 7.60
N ASN A 128 -15.77 -16.89 6.31
CA ASN A 128 -17.13 -16.50 5.82
C ASN A 128 -17.55 -15.19 6.45
N LYS A 129 -16.65 -14.23 6.40
CA LYS A 129 -16.85 -12.85 6.86
C LYS A 129 -15.71 -12.01 6.31
N TYR A 130 -15.97 -10.72 6.24
CA TYR A 130 -14.95 -9.72 5.84
C TYR A 130 -14.35 -9.02 7.08
N GLU A 131 -14.96 -9.10 8.25
CA GLU A 131 -14.41 -8.41 9.43
C GLU A 131 -13.08 -9.10 9.80
N ASN A 132 -12.17 -8.32 10.37
CA ASN A 132 -10.86 -8.77 10.84
C ASN A 132 -10.47 -7.99 12.09
N VAL A 133 -9.79 -8.62 13.03
CA VAL A 133 -9.41 -7.90 14.29
C VAL A 133 -8.34 -6.87 13.95
N PHE A 134 -7.53 -7.12 12.91
CA PHE A 134 -6.54 -6.12 12.40
C PHE A 134 -7.28 -5.10 11.54
N ILE A 135 -7.36 -3.86 12.05
CA ILE A 135 -8.14 -2.80 11.38
C ILE A 135 -7.45 -2.43 10.08
N ALA A 136 -6.14 -2.42 10.01
CA ALA A 136 -5.49 -2.02 8.75
C ALA A 136 -5.80 -3.05 7.68
N ALA A 137 -5.93 -4.33 8.01
CA ALA A 137 -6.32 -5.36 7.00
C ALA A 137 -7.60 -4.93 6.30
N MET A 138 -8.59 -4.47 7.06
CA MET A 138 -9.88 -4.07 6.51
C MET A 138 -9.69 -2.80 5.68
N GLU A 139 -8.80 -1.90 6.09
CA GLU A 139 -8.56 -0.64 5.34
C GLU A 139 -7.95 -0.99 3.97
N TRP A 140 -6.98 -1.93 3.94
CA TRP A 140 -6.25 -2.23 2.68
C TRP A 140 -7.24 -2.88 1.70
N LEU A 141 -8.12 -3.74 2.19
CA LEU A 141 -9.10 -4.37 1.28
C LEU A 141 -10.13 -3.32 0.84
N GLY A 142 -10.52 -2.44 1.76
CA GLY A 142 -11.47 -1.38 1.38
C GLY A 142 -10.94 -0.53 0.22
N ILE A 143 -9.69 -0.17 0.28
CA ILE A 143 -9.05 0.66 -0.77
C ILE A 143 -9.13 -0.07 -2.11
N ALA A 144 -8.71 -1.33 -2.13
CA ALA A 144 -8.74 -2.12 -3.37
C ALA A 144 -10.20 -2.25 -3.87
N CYS A 145 -11.17 -2.39 -2.99
CA CYS A 145 -12.58 -2.51 -3.41
C CYS A 145 -13.05 -1.21 -4.07
N LEU A 146 -12.71 -0.04 -3.51
CA LEU A 146 -13.18 1.21 -4.07
C LEU A 146 -12.45 1.48 -5.36
N ARG A 147 -11.17 1.14 -5.42
CA ARG A 147 -10.44 1.27 -6.70
C ARG A 147 -11.14 0.47 -7.81
N THR A 148 -11.52 -0.78 -7.50
CA THR A 148 -12.22 -1.65 -8.48
C THR A 148 -13.58 -1.09 -8.82
N TYR A 149 -14.34 -0.66 -7.83
CA TYR A 149 -15.66 -0.05 -8.10
C TYR A 149 -15.53 1.16 -9.04
N LYS A 150 -14.50 1.98 -8.88
CA LYS A 150 -14.32 3.18 -9.76
C LYS A 150 -14.13 2.68 -11.19
N LEU A 151 -13.44 1.57 -11.39
CA LEU A 151 -13.09 1.10 -12.74
C LEU A 151 -14.20 0.29 -13.36
N THR A 152 -15.03 -0.40 -12.58
CA THR A 152 -15.96 -1.42 -13.14
C THR A 152 -17.43 -1.12 -12.84
N ASN A 153 -17.71 -0.30 -11.84
CA ASN A 153 -19.08 0.00 -11.37
C ASN A 153 -19.73 -1.28 -10.81
N ASP A 154 -18.92 -2.25 -10.41
CA ASP A 154 -19.47 -3.50 -9.83
C ASP A 154 -19.86 -3.25 -8.36
N GLN A 155 -21.17 -3.25 -8.08
CA GLN A 155 -21.71 -2.87 -6.74
C GLN A 155 -21.22 -3.82 -5.64
N GLN A 156 -20.89 -5.06 -5.96
CA GLN A 156 -20.39 -6.00 -4.93
C GLN A 156 -19.16 -5.45 -4.20
N TYR A 157 -18.22 -4.83 -4.93
CA TYR A 157 -17.03 -4.22 -4.34
C TYR A 157 -17.45 -3.05 -3.44
N LYS A 158 -18.44 -2.26 -3.84
CA LYS A 158 -18.82 -1.08 -3.06
C LYS A 158 -19.45 -1.52 -1.76
N GLU A 159 -20.26 -2.57 -1.78
CA GLU A 159 -20.94 -3.06 -0.56
C GLU A 159 -19.90 -3.57 0.44
N VAL A 160 -18.87 -4.29 -0.02
CA VAL A 160 -17.83 -4.76 0.92
C VAL A 160 -17.10 -3.54 1.49
N ALA A 161 -16.72 -2.57 0.65
CA ALA A 161 -16.05 -1.34 1.11
C ALA A 161 -16.90 -0.61 2.16
N ASP A 162 -18.21 -0.49 1.93
CA ASP A 162 -19.08 0.26 2.88
C ASP A 162 -18.99 -0.42 4.27
N LEU A 163 -19.02 -1.74 4.29
CA LEU A 163 -18.89 -2.55 5.54
C LEU A 163 -17.55 -2.26 6.24
N LEU A 164 -16.47 -2.34 5.47
CA LEU A 164 -15.12 -2.18 6.01
C LEU A 164 -14.93 -0.75 6.51
N TRP A 165 -15.54 0.25 5.86
CA TRP A 165 -15.42 1.65 6.30
C TRP A 165 -16.10 1.84 7.67
N GLU A 166 -17.26 1.25 7.88
CA GLU A 166 -17.91 1.35 9.23
C GLU A 166 -17.02 0.75 10.31
N GLU A 167 -16.38 -0.39 10.05
CA GLU A 167 -15.48 -1.01 11.04
C GLU A 167 -14.25 -0.12 11.25
N THR A 168 -13.69 0.44 10.19
CA THR A 168 -12.50 1.31 10.33
C THR A 168 -12.83 2.51 11.24
N LYS A 169 -13.95 3.20 11.03
CA LYS A 169 -14.26 4.40 11.86
C LYS A 169 -14.44 3.99 13.32
N GLN A 170 -14.91 2.79 13.58
CA GLN A 170 -15.13 2.35 14.98
C GLN A 170 -13.78 2.32 15.69
N GLY A 171 -12.65 2.20 14.96
CA GLY A 171 -11.29 2.12 15.58
C GLY A 171 -10.75 3.44 16.07
N TRP A 172 -11.37 4.56 15.74
CA TRP A 172 -10.91 5.90 16.16
C TRP A 172 -11.19 6.09 17.64
N SER A 173 -10.28 6.74 18.34
CA SER A 173 -10.54 7.20 19.72
C SER A 173 -9.64 8.39 20.01
N ASP A 174 -9.94 9.10 21.11
CA ASP A 174 -9.21 10.31 21.52
C ASP A 174 -8.00 9.94 22.39
N VAL A 175 -7.76 8.64 22.58
CA VAL A 175 -6.51 8.18 23.25
C VAL A 175 -5.34 8.58 22.34
N HIS A 176 -4.30 9.17 22.94
CA HIS A 176 -3.17 9.83 22.24
C HIS A 176 -3.68 10.93 21.32
N GLY A 177 -4.84 11.51 21.63
CA GLY A 177 -5.36 12.68 20.91
C GLY A 177 -6.02 12.32 19.59
N GLY A 178 -6.20 11.05 19.31
CA GLY A 178 -6.80 10.63 18.04
C GLY A 178 -6.16 9.37 17.50
N GLY A 179 -6.44 9.08 16.25
CA GLY A 179 -5.85 7.93 15.55
C GLY A 179 -6.73 6.71 15.60
N ILE A 180 -6.66 5.91 14.53
CA ILE A 180 -7.32 4.58 14.49
C ILE A 180 -6.37 3.59 15.15
N ALA A 181 -6.93 2.74 15.99
CA ALA A 181 -6.20 1.65 16.63
C ALA A 181 -5.70 0.62 15.61
N TRP A 182 -4.61 -0.04 15.96
CA TRP A 182 -4.05 -1.14 15.13
C TRP A 182 -5.02 -2.32 15.09
N LYS A 183 -5.57 -2.67 16.26
CA LYS A 183 -6.46 -3.86 16.40
C LYS A 183 -7.69 -3.45 17.19
N THR A 184 -8.78 -4.18 17.02
CA THR A 184 -10.00 -3.93 17.84
C THR A 184 -9.66 -4.23 19.30
N ASP A 185 -8.63 -5.05 19.52
CA ASP A 185 -8.00 -5.60 20.76
C ASP A 185 -6.93 -4.67 21.40
N THR A 186 -6.37 -3.68 20.68
CA THR A 186 -5.23 -2.85 21.17
C THR A 186 -5.59 -1.38 21.05
N PRO A 187 -6.60 -0.88 21.76
CA PRO A 187 -7.05 0.49 21.52
C PRO A 187 -6.04 1.55 22.02
N ASN A 188 -5.01 1.20 22.80
CA ASN A 188 -3.93 2.17 23.11
C ASN A 188 -2.88 2.31 22.00
N SER A 189 -2.82 1.40 21.04
CA SER A 189 -1.75 1.45 20.02
C SER A 189 -2.32 2.11 18.78
N LYS A 190 -1.82 3.30 18.46
CA LYS A 190 -2.24 4.07 17.25
C LYS A 190 -1.09 4.01 16.24
N ASN A 191 -1.28 3.34 15.11
CA ASN A 191 -0.17 2.97 14.22
C ASN A 191 -0.30 3.73 12.90
N ALA A 192 0.83 4.10 12.33
CA ALA A 192 0.82 4.73 11.01
C ALA A 192 0.10 3.81 10.02
N CYS A 193 0.29 2.50 10.10
CA CYS A 193 -0.27 1.60 9.09
C CYS A 193 -1.77 1.41 9.25
N SER A 194 -2.38 1.82 10.35
CA SER A 194 -3.85 1.81 10.48
C SER A 194 -4.45 3.22 10.33
N ASN A 195 -3.64 4.23 9.95
CA ASN A 195 -4.12 5.62 9.80
C ASN A 195 -3.90 6.10 8.37
N GLY A 196 -2.70 5.96 7.84
CA GLY A 196 -2.45 6.36 6.47
C GLY A 196 -3.42 5.71 5.53
N PRO A 197 -3.59 4.39 5.61
CA PRO A 197 -4.58 3.72 4.76
C PRO A 197 -6.04 4.12 5.04
N ALA A 198 -6.37 4.43 6.28
CA ALA A 198 -7.74 4.92 6.59
C ALA A 198 -7.97 6.26 5.91
N ALA A 199 -6.97 7.13 5.85
CA ALA A 199 -7.13 8.41 5.16
C ALA A 199 -7.30 8.16 3.66
N ILE A 200 -6.48 7.30 3.07
CA ILE A 200 -6.66 6.96 1.62
C ILE A 200 -8.05 6.39 1.35
N PHE A 201 -8.51 5.48 2.19
CA PHE A 201 -9.85 4.86 2.14
C PHE A 201 -10.92 5.96 2.12
N ALA A 202 -10.90 6.86 3.08
CA ALA A 202 -11.85 7.99 3.16
C ALA A 202 -11.78 8.85 1.91
N LEU A 203 -10.60 9.09 1.35
CA LEU A 203 -10.47 9.93 0.14
C LEU A 203 -11.02 9.23 -1.10
N TYR A 204 -10.81 7.95 -1.24
CA TYR A 204 -11.44 7.19 -2.34
C TYR A 204 -12.97 7.24 -2.17
N LEU A 205 -13.44 7.10 -0.95
CA LEU A 205 -14.90 7.12 -0.69
C LEU A 205 -15.45 8.51 -1.02
N TYR A 206 -14.67 9.56 -0.75
CA TYR A 206 -15.10 10.94 -1.05
C TYR A 206 -15.21 11.13 -2.56
N GLU A 207 -14.27 10.57 -3.30
CA GLU A 207 -14.25 10.68 -4.77
C GLU A 207 -15.52 10.01 -5.27
N ILE A 208 -15.99 8.94 -4.66
CA ILE A 208 -17.14 8.18 -5.23
C ILE A 208 -18.48 8.77 -4.77
N ASP A 209 -18.65 9.04 -3.48
CA ASP A 209 -19.93 9.36 -2.84
C ASP A 209 -20.05 10.89 -2.65
N GLN A 210 -18.96 11.64 -2.74
CA GLN A 210 -18.93 13.12 -2.59
C GLN A 210 -19.68 13.55 -1.32
N ASP A 211 -19.49 12.82 -0.22
CA ASP A 211 -20.11 13.19 1.09
C ASP A 211 -19.05 13.93 1.93
N GLU A 212 -19.37 15.15 2.38
CA GLU A 212 -18.45 15.99 3.17
C GLU A 212 -17.95 15.20 4.40
N GLU A 213 -18.71 14.28 5.00
CA GLU A 213 -18.30 13.54 6.22
C GLU A 213 -17.05 12.71 5.89
N ASP A 214 -16.94 12.13 4.70
CA ASP A 214 -15.74 11.32 4.37
C ASP A 214 -14.51 12.21 4.22
N LEU A 215 -14.66 13.42 3.70
CA LEU A 215 -13.50 14.35 3.57
C LEU A 215 -13.11 14.82 4.97
N GLU A 216 -14.09 15.04 5.84
CA GLU A 216 -13.83 15.43 7.23
C GLU A 216 -12.98 14.33 7.89
N TRP A 217 -13.36 13.08 7.65
CA TRP A 217 -12.60 11.95 8.25
C TRP A 217 -11.15 11.97 7.75
N ALA A 218 -10.98 12.09 6.44
CA ALA A 218 -9.65 12.09 5.85
C ALA A 218 -8.81 13.21 6.48
N LYS A 219 -9.35 14.42 6.56
CA LYS A 219 -8.61 15.54 7.16
C LYS A 219 -8.26 15.26 8.61
N LYS A 220 -9.16 14.71 9.39
CA LYS A 220 -8.93 14.49 10.85
C LYS A 220 -7.85 13.44 11.02
N ILE A 221 -7.93 12.38 10.24
CA ILE A 221 -6.93 11.29 10.33
C ILE A 221 -5.58 11.87 9.92
N TYR A 222 -5.51 12.56 8.78
CA TYR A 222 -4.22 13.11 8.30
C TYR A 222 -3.69 14.11 9.32
N HIS A 223 -4.53 14.95 9.88
CA HIS A 223 -4.03 15.98 10.82
C HIS A 223 -3.38 15.31 12.04
N TRP A 224 -3.99 14.28 12.57
CA TRP A 224 -3.48 13.55 13.74
C TRP A 224 -2.15 12.88 13.34
N LEU A 225 -2.14 12.25 12.17
CA LEU A 225 -0.93 11.53 11.70
C LEU A 225 0.24 12.52 11.63
N LYS A 226 0.05 13.67 11.03
CA LYS A 226 1.10 14.68 10.83
C LYS A 226 1.51 15.27 12.19
N ASP A 227 0.59 15.45 13.12
CA ASP A 227 0.86 16.06 14.45
C ASP A 227 1.50 15.04 15.38
N THR A 228 1.41 13.75 15.11
CA THR A 228 1.86 12.71 16.06
C THR A 228 3.08 11.97 15.52
N LEU A 229 3.01 11.44 14.30
CA LEU A 229 3.96 10.40 13.88
C LEU A 229 4.85 10.88 12.75
N VAL A 230 4.74 12.12 12.30
CA VAL A 230 5.60 12.58 11.17
C VAL A 230 6.76 13.41 11.72
N ASP A 231 7.97 13.03 11.38
CA ASP A 231 9.17 13.83 11.70
C ASP A 231 9.05 15.23 11.06
N PRO A 232 9.06 16.34 11.82
CA PRO A 232 8.91 17.66 11.20
C PRO A 232 10.12 18.10 10.37
N GLU A 233 11.27 17.45 10.54
CA GLU A 233 12.44 17.78 9.73
C GLU A 233 12.41 17.02 8.40
N SER A 234 12.25 15.71 8.43
CA SER A 234 12.42 14.80 7.25
C SER A 234 11.09 14.55 6.51
N GLY A 235 9.98 14.54 7.24
CA GLY A 235 8.73 14.06 6.65
C GLY A 235 8.64 12.55 6.59
N LEU A 236 9.60 11.83 7.16
CA LEU A 236 9.43 10.38 7.34
C LEU A 236 8.53 10.10 8.54
N VAL A 237 8.04 8.88 8.60
CA VAL A 237 6.87 8.54 9.46
C VAL A 237 7.30 7.50 10.45
N TRP A 238 7.15 7.83 11.74
CA TRP A 238 7.38 6.89 12.86
C TRP A 238 6.24 5.85 12.94
N ASP A 239 6.52 4.71 13.54
CA ASP A 239 5.63 3.54 13.32
C ASP A 239 4.34 3.66 14.15
N ASN A 240 4.43 4.10 15.39
CA ASN A 240 3.26 4.07 16.26
C ASN A 240 3.49 4.87 17.53
N ILE A 241 2.41 5.12 18.24
CA ILE A 241 2.44 5.66 19.59
C ILE A 241 1.61 4.70 20.43
N ASP A 242 2.10 4.41 21.62
CA ASP A 242 1.45 3.41 22.49
C ASP A 242 1.78 3.80 23.93
N TYR A 243 1.07 3.25 24.91
CA TYR A 243 1.38 3.46 26.34
C TYR A 243 2.30 2.37 26.83
N HIS A 244 3.26 2.76 27.63
CA HIS A 244 4.06 1.85 28.45
C HIS A 244 4.27 2.49 29.82
N ASP A 245 3.67 1.87 30.87
CA ASP A 245 3.88 2.24 32.29
C ASP A 245 3.60 3.74 32.49
N GLY A 246 2.49 4.22 31.96
CA GLY A 246 2.04 5.60 32.17
C GLY A 246 2.60 6.57 31.16
N GLU A 247 3.59 6.18 30.35
CA GLU A 247 4.22 7.10 29.39
C GLU A 247 3.70 6.81 27.98
N ALA A 248 3.31 7.85 27.24
CA ALA A 248 3.10 7.71 25.79
C ALA A 248 4.46 7.64 25.11
N ILE A 249 4.71 6.61 24.34
CA ILE A 249 6.03 6.34 23.74
C ILE A 249 5.80 6.24 22.24
N ILE A 250 6.55 7.03 21.48
CA ILE A 250 6.55 6.91 19.99
C ILE A 250 7.72 6.03 19.59
N ASN A 251 7.46 5.06 18.73
CA ASN A 251 8.55 4.22 18.18
C ASN A 251 9.16 4.95 16.99
N ARG A 252 10.24 5.67 17.22
CA ARG A 252 11.00 6.41 16.18
C ARG A 252 12.05 5.54 15.52
N ASP A 253 12.37 4.38 16.07
CA ASP A 253 13.35 3.46 15.42
C ASP A 253 12.76 2.80 14.18
N TRP A 254 11.47 2.54 14.21
CA TRP A 254 10.78 1.85 13.11
C TRP A 254 10.31 2.89 12.11
N ILE A 255 11.16 3.17 11.15
CA ILE A 255 10.79 4.01 10.00
C ILE A 255 10.72 3.08 8.78
N PHE A 256 9.50 2.80 8.33
CA PHE A 256 9.27 1.80 7.27
C PHE A 256 8.81 2.47 5.99
N THR A 257 9.20 1.90 4.85
CA THR A 257 8.79 2.44 3.56
C THR A 257 7.28 2.65 3.46
N TYR A 258 6.48 1.66 3.87
CA TYR A 258 5.03 1.72 3.61
C TYR A 258 4.31 2.77 4.42
N ASN A 259 4.85 3.20 5.55
CA ASN A 259 4.18 4.22 6.41
C ASN A 259 4.43 5.61 5.81
N VAL A 260 5.63 5.85 5.33
CA VAL A 260 5.82 7.11 4.61
C VAL A 260 5.08 7.02 3.28
N GLY A 261 4.95 5.84 2.71
CA GLY A 261 4.21 5.68 1.45
C GLY A 261 2.76 6.02 1.61
N THR A 262 2.11 5.58 2.69
CA THR A 262 0.66 5.90 2.82
C THR A 262 0.47 7.34 3.24
N TYR A 263 1.45 7.94 3.93
CA TYR A 263 1.39 9.37 4.24
C TYR A 263 1.49 10.16 2.93
N ILE A 264 2.46 9.83 2.09
CA ILE A 264 2.55 10.47 0.77
C ILE A 264 1.22 10.27 0.00
N GLY A 265 0.65 9.06 0.00
CA GLY A 265 -0.55 8.80 -0.78
C GLY A 265 -1.72 9.63 -0.29
N ALA A 266 -1.89 9.70 1.03
CA ALA A 266 -2.97 10.51 1.64
C ALA A 266 -2.78 11.99 1.31
N ALA A 267 -1.57 12.51 1.44
CA ALA A 267 -1.28 13.92 1.17
C ALA A 267 -1.59 14.21 -0.30
N ASN A 268 -1.13 13.37 -1.22
CA ASN A 268 -1.42 13.54 -2.66
C ASN A 268 -2.94 13.59 -2.91
N LEU A 269 -3.68 12.62 -2.39
CA LEU A 269 -5.14 12.59 -2.55
C LEU A 269 -5.79 13.77 -1.85
N LEU A 270 -5.31 14.23 -0.70
CA LEU A 270 -5.90 15.43 -0.08
C LEU A 270 -5.68 16.66 -0.94
N HIS A 271 -4.50 16.80 -1.52
CA HIS A 271 -4.23 17.91 -2.42
C HIS A 271 -5.22 17.86 -3.56
N GLN A 272 -5.44 16.67 -4.15
CA GLN A 272 -6.39 16.55 -5.30
C GLN A 272 -7.83 16.81 -4.83
N ALA A 273 -8.16 16.53 -3.60
CA ALA A 273 -9.56 16.69 -3.08
C ALA A 273 -9.82 18.13 -2.62
N THR A 274 -8.82 18.94 -2.33
CA THR A 274 -9.04 20.27 -1.70
C THR A 274 -8.35 21.39 -2.45
N GLY A 275 -7.25 21.09 -3.16
CA GLY A 275 -6.39 22.11 -3.78
C GLY A 275 -5.46 22.77 -2.80
N GLU A 276 -5.51 22.45 -1.52
CA GLU A 276 -4.65 23.11 -0.49
C GLU A 276 -3.19 22.71 -0.71
N GLY A 277 -2.31 23.71 -0.86
CA GLY A 277 -0.93 23.51 -1.28
C GLY A 277 -0.13 22.87 -0.17
N MET A 278 -0.53 23.07 1.08
CA MET A 278 0.18 22.42 2.21
C MET A 278 0.24 20.89 2.04
N TYR A 279 -0.78 20.26 1.47
CA TYR A 279 -0.74 18.80 1.28
C TYR A 279 0.28 18.44 0.22
N LEU A 280 0.33 19.14 -0.88
CA LEU A 280 1.34 18.78 -1.91
C LEU A 280 2.73 19.09 -1.37
N ASP A 281 2.89 20.13 -0.55
CA ASP A 281 4.22 20.43 0.03
C ASP A 281 4.64 19.26 0.93
N ASP A 282 3.74 18.80 1.80
CA ASP A 282 4.02 17.66 2.70
C ASP A 282 4.42 16.43 1.87
N ALA A 283 3.67 16.12 0.83
CA ALA A 283 3.98 14.93 0.00
C ALA A 283 5.36 15.08 -0.61
N ILE A 284 5.71 16.26 -1.16
CA ILE A 284 7.02 16.48 -1.80
C ILE A 284 8.12 16.38 -0.75
N LYS A 285 7.91 16.89 0.43
CA LYS A 285 8.99 16.84 1.43
C LYS A 285 9.29 15.38 1.78
N SER A 286 8.23 14.59 2.03
CA SER A 286 8.40 13.17 2.43
C SER A 286 9.07 12.42 1.26
N ALA A 287 8.59 12.65 0.02
CA ALA A 287 9.12 11.91 -1.14
C ALA A 287 10.61 12.24 -1.38
N SER A 288 10.97 13.50 -1.21
CA SER A 288 12.37 13.98 -1.37
C SER A 288 13.24 13.28 -0.33
N SER A 289 12.71 13.03 0.88
CA SER A 289 13.46 12.30 1.92
C SER A 289 13.59 10.83 1.55
N VAL A 290 12.62 10.26 0.85
CA VAL A 290 12.76 8.87 0.36
C VAL A 290 13.87 8.80 -0.69
N VAL A 291 13.98 9.73 -1.58
CA VAL A 291 15.01 9.59 -2.65
C VAL A 291 16.40 9.92 -2.09
N ALA A 292 16.54 10.92 -1.22
CA ALA A 292 17.86 11.35 -0.74
C ALA A 292 18.48 10.25 0.11
N PRO A 293 19.81 10.06 0.10
CA PRO A 293 20.42 9.04 0.96
C PRO A 293 19.86 9.14 2.39
N GLY A 294 19.65 7.99 3.04
CA GLY A 294 19.14 8.00 4.43
C GLY A 294 18.54 6.68 4.84
N GLU A 295 17.60 6.72 5.77
CA GLU A 295 17.08 5.52 6.46
C GLU A 295 16.52 4.48 5.48
N LEU A 296 15.84 4.88 4.39
CA LEU A 296 15.03 3.97 3.59
C LEU A 296 15.76 3.43 2.38
N THR A 297 16.97 3.91 2.07
CA THR A 297 17.70 3.38 0.88
C THR A 297 19.09 2.90 1.25
N THR A 298 19.55 1.94 0.48
CA THR A 298 20.97 1.52 0.44
C THR A 298 21.42 1.59 -1.02
N GLY A 299 22.45 2.36 -1.31
CA GLY A 299 22.98 2.45 -2.68
C GLY A 299 21.93 2.88 -3.68
N GLY A 300 21.08 3.82 -3.28
CA GLY A 300 20.05 4.42 -4.15
C GLY A 300 18.82 3.53 -4.35
N VAL A 301 18.74 2.39 -3.68
CA VAL A 301 17.67 1.38 -3.86
C VAL A 301 16.91 1.25 -2.53
N LEU A 302 15.61 1.14 -2.58
CA LEU A 302 14.80 0.89 -1.34
C LEU A 302 15.35 -0.34 -0.64
N LYS A 303 15.47 -0.25 0.67
CA LYS A 303 16.28 -1.23 1.42
C LYS A 303 15.49 -2.51 1.71
N ASN A 304 16.22 -3.56 2.04
CA ASN A 304 15.71 -4.88 2.46
C ASN A 304 15.02 -4.75 3.82
N GLU A 305 13.73 -5.05 3.86
CA GLU A 305 12.91 -5.01 5.09
C GLU A 305 12.50 -6.42 5.50
N GLY A 306 13.16 -7.44 4.96
CA GLY A 306 12.88 -8.84 5.27
C GLY A 306 11.66 -9.35 4.54
N GLN A 307 11.23 -10.56 4.89
CA GLN A 307 10.04 -11.15 4.26
C GLN A 307 8.88 -11.02 5.26
N GLY A 308 7.89 -11.92 5.19
CA GLY A 308 6.67 -11.74 5.98
C GLY A 308 5.96 -10.44 5.61
N ASP A 309 5.34 -9.79 6.59
CA ASP A 309 4.71 -8.49 6.36
C ASP A 309 5.67 -7.52 5.66
N GLY A 310 6.90 -7.47 6.13
CA GLY A 310 7.87 -6.51 5.63
C GLY A 310 8.10 -6.60 4.14
N GLY A 311 7.89 -7.79 3.57
CA GLY A 311 8.07 -7.98 2.13
C GLY A 311 7.15 -7.11 1.31
N LEU A 312 5.96 -6.77 1.80
CA LEU A 312 5.01 -5.90 1.04
C LEU A 312 5.35 -4.41 1.18
N PHE A 313 6.21 -4.01 2.11
CA PHE A 313 6.32 -2.59 2.49
C PHE A 313 6.77 -1.75 1.28
N LYS A 314 7.81 -2.21 0.58
CA LYS A 314 8.41 -1.41 -0.51
C LYS A 314 7.40 -1.21 -1.62
N GLY A 315 6.65 -2.26 -1.97
CA GLY A 315 5.59 -2.15 -2.98
C GLY A 315 4.59 -1.04 -2.69
N ILE A 316 4.13 -0.94 -1.44
CA ILE A 316 3.15 0.10 -1.08
C ILE A 316 3.77 1.48 -1.26
N LEU A 317 5.03 1.67 -0.90
CA LEU A 317 5.67 2.95 -1.07
C LEU A 317 5.71 3.30 -2.56
N VAL A 318 6.17 2.37 -3.37
CA VAL A 318 6.33 2.65 -4.82
C VAL A 318 4.99 3.06 -5.40
N ARG A 319 3.90 2.41 -4.98
CA ARG A 319 2.58 2.71 -5.57
C ARG A 319 2.26 4.20 -5.34
N TYR A 320 2.36 4.70 -4.11
CA TYR A 320 1.88 6.06 -3.83
C TYR A 320 2.90 7.12 -4.21
N PHE A 321 4.17 6.79 -4.06
CA PHE A 321 5.25 7.58 -4.64
C PHE A 321 4.93 7.84 -6.12
N THR A 322 4.59 6.79 -6.84
CA THR A 322 4.31 6.91 -8.29
C THR A 322 3.08 7.78 -8.47
N GLN A 323 2.04 7.60 -7.66
CA GLN A 323 0.86 8.49 -7.80
C GLN A 323 1.25 9.95 -7.60
N LEU A 324 2.09 10.28 -6.63
CA LEU A 324 2.57 11.67 -6.48
C LEU A 324 3.29 12.09 -7.77
N ALA A 325 4.09 11.20 -8.34
CA ALA A 325 4.88 11.53 -9.57
C ALA A 325 3.92 11.86 -10.72
N LEU A 326 2.65 11.44 -10.64
CA LEU A 326 1.68 11.65 -11.75
C LEU A 326 0.80 12.87 -11.45
N ASN A 327 0.92 13.48 -10.28
CA ASN A 327 0.12 14.69 -9.94
C ASN A 327 0.52 15.76 -10.95
N PRO A 328 -0.38 16.31 -11.77
CA PRO A 328 -0.01 17.37 -12.72
C PRO A 328 0.53 18.64 -12.04
N ASP A 329 0.21 18.93 -10.79
CA ASP A 329 0.80 20.14 -10.15
C ASP A 329 2.23 19.87 -9.62
N LEU A 330 2.76 18.66 -9.74
CA LEU A 330 4.15 18.41 -9.28
C LEU A 330 5.12 19.14 -10.20
N PRO A 331 6.07 19.95 -9.66
CA PRO A 331 7.05 20.61 -10.52
C PRO A 331 7.76 19.61 -11.42
N ASP A 332 8.09 20.04 -12.64
CA ASP A 332 8.78 19.17 -13.64
C ASP A 332 10.09 18.61 -13.08
N GLY A 333 10.86 19.40 -12.33
CA GLY A 333 12.16 18.91 -11.85
C GLY A 333 11.98 17.78 -10.85
N LYS A 334 11.02 17.91 -9.95
CA LYS A 334 10.75 16.83 -8.96
C LYS A 334 10.24 15.61 -9.72
N ARG A 335 9.44 15.84 -10.76
CA ARG A 335 8.90 14.68 -11.50
C ARG A 335 10.04 13.90 -12.12
N ASN A 336 11.03 14.58 -12.71
CA ASN A 336 12.20 13.89 -13.30
C ASN A 336 12.94 13.09 -12.21
N GLU A 337 13.22 13.69 -11.06
CA GLU A 337 13.90 13.01 -9.95
C GLU A 337 13.12 11.74 -9.56
N PHE A 338 11.82 11.86 -9.34
CA PHE A 338 11.00 10.73 -8.83
C PHE A 338 10.91 9.62 -9.89
N GLU A 339 10.71 9.98 -11.16
CA GLU A 339 10.63 8.98 -12.27
C GLU A 339 11.96 8.23 -12.36
N GLU A 340 13.08 8.94 -12.21
CA GLU A 340 14.43 8.30 -12.30
C GLU A 340 14.64 7.36 -11.11
N PHE A 341 14.16 7.76 -9.92
CA PHE A 341 14.25 6.88 -8.72
C PHE A 341 13.51 5.58 -8.98
N VAL A 342 12.32 5.65 -9.51
CA VAL A 342 11.52 4.42 -9.77
C VAL A 342 12.23 3.58 -10.83
N LEU A 343 12.72 4.20 -11.88
CA LEU A 343 13.44 3.46 -12.94
C LEU A 343 14.67 2.73 -12.37
N PHE A 344 15.47 3.36 -11.55
CA PHE A 344 16.72 2.71 -11.05
C PHE A 344 16.36 1.55 -10.12
N ASN A 345 15.28 1.68 -9.33
CA ASN A 345 14.80 0.56 -8.51
C ASN A 345 14.30 -0.56 -9.41
N ALA A 346 13.52 -0.25 -10.43
CA ALA A 346 12.99 -1.26 -11.36
C ALA A 346 14.13 -1.96 -12.09
N GLU A 347 15.12 -1.22 -12.57
CA GLU A 347 16.26 -1.83 -13.31
C GLU A 347 17.08 -2.74 -12.39
N THR A 348 17.36 -2.26 -11.17
CA THR A 348 18.07 -3.04 -10.17
C THR A 348 17.35 -4.38 -9.95
N LEU A 349 16.05 -4.36 -9.66
CA LEU A 349 15.31 -5.60 -9.42
C LEU A 349 15.37 -6.49 -10.67
N TYR A 350 15.08 -5.93 -11.83
CA TYR A 350 15.07 -6.73 -13.07
C TYR A 350 16.42 -7.42 -13.29
N HIS A 351 17.53 -6.69 -13.16
CA HIS A 351 18.86 -7.23 -13.50
C HIS A 351 19.48 -8.01 -12.36
N ASN A 352 19.21 -7.69 -11.11
CA ASN A 352 19.96 -8.26 -9.98
C ASN A 352 19.08 -9.00 -8.98
N GLY A 353 17.78 -8.77 -8.93
CA GLY A 353 16.99 -9.34 -7.81
C GLY A 353 16.06 -10.44 -8.22
N LEU A 354 15.72 -10.56 -9.49
CA LEU A 354 14.64 -11.47 -9.93
C LEU A 354 15.28 -12.78 -10.28
N THR A 355 14.68 -13.87 -9.85
CA THR A 355 15.09 -15.22 -10.33
C THR A 355 14.74 -15.33 -11.81
N SER A 356 15.26 -16.34 -12.47
CA SER A 356 14.99 -16.61 -13.91
C SER A 356 13.48 -16.74 -14.14
N ALA A 357 12.75 -17.32 -13.19
CA ALA A 357 11.29 -17.54 -13.27
C ALA A 357 10.53 -16.23 -13.08
N GLY A 358 11.16 -15.26 -12.43
CA GLY A 358 10.54 -13.96 -12.16
C GLY A 358 10.04 -13.83 -10.73
N LEU A 359 10.70 -14.44 -9.75
CA LEU A 359 10.33 -14.22 -8.32
C LEU A 359 11.29 -13.21 -7.74
N ALA A 360 10.75 -12.25 -6.98
CA ALA A 360 11.53 -11.19 -6.35
C ALA A 360 11.83 -11.57 -4.89
N GLY A 361 12.98 -11.16 -4.38
CA GLY A 361 13.26 -11.36 -2.97
C GLY A 361 13.11 -10.06 -2.19
N PRO A 362 13.40 -10.12 -0.88
CA PRO A 362 13.24 -8.94 -0.02
C PRO A 362 14.29 -7.87 -0.35
N ASN A 363 15.43 -8.32 -0.84
CA ASN A 363 16.55 -7.47 -1.28
C ASN A 363 16.53 -7.35 -2.79
N TRP A 364 16.17 -6.19 -3.32
CA TRP A 364 16.05 -6.02 -4.78
C TRP A 364 17.42 -6.11 -5.44
N ASN A 365 18.50 -6.05 -4.65
CA ASN A 365 19.87 -6.20 -5.18
C ASN A 365 20.29 -7.66 -5.26
N ASP A 366 19.57 -8.62 -4.68
CA ASP A 366 20.08 -10.03 -4.70
C ASP A 366 18.95 -10.99 -4.99
N GLU A 367 19.20 -12.02 -5.79
CA GLU A 367 18.14 -13.05 -6.03
C GLU A 367 17.86 -13.81 -4.74
N PRO A 368 16.59 -14.15 -4.43
CA PRO A 368 16.33 -14.99 -3.26
C PRO A 368 16.78 -16.42 -3.48
N SER A 369 17.33 -17.09 -2.46
CA SER A 369 17.91 -18.45 -2.62
C SER A 369 16.91 -19.54 -2.21
N GLY A 370 15.86 -19.18 -1.49
CA GLY A 370 14.89 -20.18 -1.04
C GLY A 370 13.46 -19.68 -1.12
N ARG A 371 12.73 -19.84 -0.03
CA ARG A 371 11.33 -19.42 0.06
C ARG A 371 11.20 -17.96 -0.42
N VAL A 372 10.14 -17.71 -1.14
CA VAL A 372 9.64 -16.35 -1.48
C VAL A 372 8.19 -16.23 -1.01
N ASP A 373 7.95 -15.38 -0.01
CA ASP A 373 6.59 -15.14 0.52
C ASP A 373 5.80 -14.33 -0.52
N LEU A 374 4.49 -14.47 -0.54
CA LEU A 374 3.63 -13.72 -1.49
C LEU A 374 3.87 -12.23 -1.33
N SER A 375 4.07 -11.76 -0.09
CA SER A 375 4.22 -10.31 0.19
C SER A 375 5.42 -9.78 -0.62
N THR A 376 6.53 -10.47 -0.55
CA THR A 376 7.77 -10.13 -1.25
C THR A 376 7.55 -10.12 -2.76
N GLN A 377 6.84 -11.14 -3.27
CA GLN A 377 6.58 -11.16 -4.72
C GLN A 377 5.73 -9.95 -5.11
N LEU A 378 4.69 -9.62 -4.34
CA LEU A 378 3.81 -8.49 -4.62
C LEU A 378 4.62 -7.21 -4.71
N SER A 379 5.59 -7.00 -3.85
CA SER A 379 6.39 -5.75 -3.95
C SER A 379 7.07 -5.67 -5.32
N GLY A 380 7.65 -6.78 -5.77
CA GLY A 380 8.23 -6.85 -7.09
C GLY A 380 7.24 -6.49 -8.19
N VAL A 381 6.04 -7.08 -8.15
CA VAL A 381 5.02 -6.85 -9.20
C VAL A 381 4.61 -5.37 -9.14
N MET A 382 4.33 -4.85 -7.95
CA MET A 382 3.96 -3.41 -7.82
C MET A 382 5.05 -2.48 -8.41
N LEU A 383 6.32 -2.73 -8.14
CA LEU A 383 7.41 -1.94 -8.74
C LEU A 383 7.33 -1.93 -10.27
N MET A 384 7.20 -3.08 -10.87
CA MET A 384 7.19 -3.13 -12.34
C MET A 384 5.91 -2.46 -12.90
N GLU A 385 4.77 -2.61 -12.24
CA GLU A 385 3.54 -1.99 -12.74
C GLU A 385 3.65 -0.46 -12.58
N ALA A 386 4.28 0.02 -11.52
CA ALA A 386 4.47 1.47 -11.34
C ALA A 386 5.40 1.99 -12.45
N LYS A 387 6.48 1.25 -12.73
CA LYS A 387 7.43 1.73 -13.77
C LYS A 387 6.68 1.80 -15.11
N ALA A 388 5.89 0.78 -15.41
CA ALA A 388 5.14 0.70 -16.68
C ALA A 388 4.17 1.87 -16.77
N LEU A 389 3.57 2.27 -15.66
CA LEU A 389 2.61 3.38 -15.62
C LEU A 389 3.34 4.71 -15.88
N LEU A 390 4.59 4.86 -15.42
CA LEU A 390 5.31 6.13 -15.64
C LEU A 390 5.81 6.24 -17.08
N GLU A 391 5.90 5.14 -17.83
CA GLU A 391 6.39 5.18 -19.23
C GLU A 391 5.34 5.92 -20.05
#